data_8BYE
#
_entry.id   8BYE
#
_cell.length_a   81.772
_cell.length_b   111.967
_cell.length_c   62.371
_cell.angle_alpha   90.00
_cell.angle_beta   90.00
_cell.angle_gamma   90.00
#
_symmetry.space_group_name_H-M   'C 2 2 21'
#
loop_
_entity.id
_entity.type
_entity.pdbx_description
1 polymer '14-3-3 protein sigma'
2 polymer 'ERalpha peptide'
3 non-polymer ~{N}-[3-(5-carbamimidoylthiophen-3-yl)phenyl]-1-(4-chloranylphenoxy)cyclobutane-1-carboxamide
4 water water
#
loop_
_entity_poly.entity_id
_entity_poly.type
_entity_poly.pdbx_seq_one_letter_code
_entity_poly.pdbx_strand_id
1 'polypeptide(L)'
;GAMGSMERASLIQKAKLAEQAERYEDMAAFMKGAVEKGEELSCEERNLLSVAYKNVVGGQRAAWRVLSSIEQKSNEEGSE
EKGPEVREYREKVETELQGVCDTVLGLLDSHLIKEAGDAESRVFYLKMKGDYYRYLAEVATGDDKKRIIDSARSAYQEAM
DISKKEMPPTNPIRLGLALNFSVFHYEIANSPEEAISLAKTTFDEAMADLHTLSEDSYKDSTLIMQLLRDNLTLWT
;
A
2 'polypeptide(L)' FPA(TPO)V B
#
loop_
_chem_comp.id
_chem_comp.type
_chem_comp.name
_chem_comp.formula
RY0 non-polymer ~{N}-[3-(5-carbamimidoylthiophen-3-yl)phenyl]-1-(4-chloranylphenoxy)cyclobutane-1-carboxamide 'C22 H20 Cl N3 O2 S'
#
# COMPACT_ATOMS: atom_id res chain seq x y z
N GLY A 1 5.07 -17.31 17.27
CA GLY A 1 5.83 -16.12 16.78
C GLY A 1 7.24 -16.07 17.34
N ALA A 2 8.22 -15.90 16.46
CA ALA A 2 9.60 -15.77 16.90
C ALA A 2 9.83 -14.52 17.74
N MET A 3 8.92 -13.55 17.69
CA MET A 3 9.03 -12.32 18.47
C MET A 3 8.23 -12.37 19.76
N GLY A 4 7.55 -13.49 20.03
CA GLY A 4 6.65 -13.53 21.16
C GLY A 4 7.32 -13.31 22.51
N SER A 5 8.61 -13.61 22.63
CA SER A 5 9.31 -13.42 23.89
C SER A 5 9.90 -12.03 24.05
N MET A 6 9.82 -11.17 23.03
CA MET A 6 10.40 -9.83 23.14
C MET A 6 9.37 -8.80 23.59
N GLU A 7 9.77 -7.87 24.46
CA GLU A 7 8.88 -6.79 24.90
C GLU A 7 8.35 -5.97 23.72
N ARG A 8 7.08 -5.55 23.83
CA ARG A 8 6.51 -4.68 22.81
C ARG A 8 7.39 -3.45 22.58
N ALA A 9 7.81 -2.78 23.66
CA ALA A 9 8.57 -1.55 23.49
C ALA A 9 9.92 -1.82 22.84
N SER A 10 10.52 -2.99 23.14
CA SER A 10 11.80 -3.37 22.52
C SER A 10 11.63 -3.67 21.02
N LEU A 11 10.50 -4.28 20.64
CA LEU A 11 10.20 -4.51 19.23
C LEU A 11 10.08 -3.19 18.48
N ILE A 12 9.39 -2.22 19.05
CA ILE A 12 9.23 -0.92 18.40
C ILE A 12 10.56 -0.22 18.28
N GLN A 13 11.35 -0.24 19.35
CA GLN A 13 12.69 0.36 19.29
C GLN A 13 13.55 -0.31 18.22
N LYS A 14 13.52 -1.65 18.14
CA LYS A 14 14.32 -2.31 17.12
C LYS A 14 13.78 -2.05 15.71
N ALA A 15 12.46 -1.92 15.55
CA ALA A 15 11.94 -1.50 14.24
C ALA A 15 12.55 -0.17 13.82
N LYS A 16 12.67 0.77 14.76
CA LYS A 16 13.24 2.08 14.41
C LYS A 16 14.71 1.94 14.03
N LEU A 17 15.44 1.10 14.75
CA LEU A 17 16.84 0.86 14.44
C LEU A 17 17.00 0.19 13.08
N ALA A 18 16.15 -0.82 12.80
CA ALA A 18 16.21 -1.48 11.50
C ALA A 18 15.94 -0.49 10.38
N GLU A 19 14.99 0.43 10.58
CA GLU A 19 14.76 1.45 9.56
C GLU A 19 16.02 2.28 9.30
N GLN A 20 16.72 2.70 10.35
CA GLN A 20 17.92 3.50 10.15
C GLN A 20 18.98 2.71 9.41
N ALA A 21 19.02 1.40 9.62
CA ALA A 21 19.97 0.50 8.97
C ALA A 21 19.48 0.02 7.60
N GLU A 22 18.32 0.49 7.17
CA GLU A 22 17.69 0.07 5.91
C GLU A 22 17.50 -1.45 5.84
N ARG A 23 17.14 -2.04 6.98
CA ARG A 23 16.90 -3.46 7.13
C ARG A 23 15.38 -3.67 7.23
N TYR A 24 14.72 -3.55 6.09
CA TYR A 24 13.26 -3.48 6.11
C TYR A 24 12.59 -4.81 6.39
N GLU A 25 13.21 -5.94 6.00
CA GLU A 25 12.65 -7.23 6.37
C GLU A 25 12.67 -7.41 7.89
N ASP A 26 13.77 -7.04 8.55
CA ASP A 26 13.79 -7.04 10.01
C ASP A 26 12.75 -6.08 10.57
N MET A 27 12.69 -4.86 10.06
CA MET A 27 11.68 -3.89 10.49
C MET A 27 10.30 -4.46 10.47
N ALA A 28 9.94 -5.14 9.38
CA ALA A 28 8.62 -5.72 9.25
C ALA A 28 8.40 -6.84 10.25
N ALA A 29 9.41 -7.68 10.48
CA ALA A 29 9.26 -8.75 11.44
C ALA A 29 9.07 -8.20 12.85
N PHE A 30 9.81 -7.14 13.19
CA PHE A 30 9.66 -6.51 14.49
C PHE A 30 8.26 -5.92 14.64
N MET A 31 7.78 -5.23 13.61
CA MET A 31 6.47 -4.61 13.73
C MET A 31 5.35 -5.67 13.72
N LYS A 32 5.52 -6.75 12.97
CA LYS A 32 4.57 -7.85 13.06
C LYS A 32 4.51 -8.37 14.49
N GLY A 33 5.67 -8.55 15.12
CA GLY A 33 5.70 -8.93 16.52
C GLY A 33 4.99 -7.94 17.40
N ALA A 34 5.16 -6.65 17.14
CA ALA A 34 4.50 -5.64 17.97
C ALA A 34 2.98 -5.73 17.80
N VAL A 35 2.51 -5.83 16.56
CA VAL A 35 1.07 -5.96 16.34
C VAL A 35 0.52 -7.17 17.11
N GLU A 36 1.26 -8.29 17.06
CA GLU A 36 0.79 -9.54 17.66
C GLU A 36 0.76 -9.48 19.17
N LYS A 37 1.28 -8.42 19.79
CA LYS A 37 1.04 -8.25 21.21
C LYS A 37 -0.41 -7.94 21.53
N GLY A 38 -1.19 -7.50 20.55
CA GLY A 38 -2.61 -7.40 20.69
C GLY A 38 -3.15 -6.03 21.06
N GLU A 39 -2.27 -5.10 21.42
CA GLU A 39 -2.67 -3.74 21.74
C GLU A 39 -2.84 -2.93 20.45
N GLU A 40 -3.69 -1.91 20.51
CA GLU A 40 -3.83 -1.02 19.37
C GLU A 40 -2.51 -0.29 19.13
N LEU A 41 -2.34 0.22 17.92
CA LEU A 41 -1.12 0.90 17.56
C LEU A 41 -1.32 2.41 17.59
N SER A 42 -0.28 3.10 18.03
CA SER A 42 -0.29 4.56 17.94
C SER A 42 -0.05 5.00 16.50
N CYS A 43 -0.16 6.32 16.25
CA CYS A 43 0.10 6.85 14.92
C CYS A 43 1.52 6.50 14.45
N GLU A 44 2.52 6.77 15.29
CA GLU A 44 3.89 6.46 14.90
C GLU A 44 4.06 4.99 14.59
N GLU A 45 3.46 4.13 15.42
CA GLU A 45 3.56 2.68 15.23
C GLU A 45 2.89 2.23 13.94
N ARG A 46 1.73 2.79 13.62
CA ARG A 46 1.08 2.41 12.37
C ARG A 46 1.96 2.77 11.18
N ASN A 47 2.63 3.92 11.26
CA ASN A 47 3.50 4.31 10.16
C ASN A 47 4.76 3.45 10.11
N LEU A 48 5.29 3.03 11.25
CA LEU A 48 6.40 2.07 11.23
C LEU A 48 6.00 0.78 10.54
N LEU A 49 4.82 0.26 10.87
CA LEU A 49 4.33 -0.97 10.25
C LEU A 49 4.21 -0.79 8.74
N SER A 50 3.57 0.31 8.34
CA SER A 50 3.32 0.53 6.93
C SER A 50 4.61 0.73 6.17
N VAL A 51 5.54 1.52 6.72
CA VAL A 51 6.81 1.77 6.01
C VAL A 51 7.57 0.47 5.83
N ALA A 52 7.59 -0.38 6.87
CA ALA A 52 8.34 -1.62 6.78
C ALA A 52 7.82 -2.49 5.65
N TYR A 53 6.52 -2.77 5.67
CA TYR A 53 5.99 -3.69 4.68
C TYR A 53 5.93 -3.04 3.29
N LYS A 54 5.73 -1.72 3.19
CA LYS A 54 5.72 -1.14 1.86
C LYS A 54 7.09 -1.25 1.22
N ASN A 55 8.15 -1.17 2.00
CA ASN A 55 9.49 -1.33 1.44
C ASN A 55 9.75 -2.79 1.09
N VAL A 56 9.31 -3.71 1.92
CA VAL A 56 9.54 -5.13 1.60
C VAL A 56 8.79 -5.50 0.32
N VAL A 57 7.48 -5.23 0.28
CA VAL A 57 6.71 -5.63 -0.89
C VAL A 57 7.12 -4.81 -2.10
N GLY A 58 7.56 -3.56 -1.89
CA GLY A 58 8.02 -2.75 -3.01
C GLY A 58 9.22 -3.36 -3.71
N GLY A 59 10.15 -3.90 -2.94
CA GLY A 59 11.26 -4.63 -3.54
C GLY A 59 10.81 -5.86 -4.30
N GLN A 60 9.86 -6.62 -3.72
CA GLN A 60 9.34 -7.79 -4.41
C GLN A 60 8.63 -7.41 -5.72
N ARG A 61 7.84 -6.34 -5.69
CA ARG A 61 7.13 -5.91 -6.89
C ARG A 61 8.12 -5.53 -7.98
N ALA A 62 9.18 -4.82 -7.60
CA ALA A 62 10.15 -4.41 -8.59
C ALA A 62 10.83 -5.63 -9.20
N ALA A 63 11.20 -6.59 -8.37
CA ALA A 63 11.79 -7.83 -8.88
C ALA A 63 10.82 -8.60 -9.78
N TRP A 64 9.56 -8.70 -9.37
CA TRP A 64 8.57 -9.43 -10.15
C TRP A 64 8.39 -8.78 -11.53
N ARG A 65 8.40 -7.45 -11.59
CA ARG A 65 8.24 -6.76 -12.86
C ARG A 65 9.40 -7.04 -13.80
N VAL A 66 10.63 -7.06 -13.28
CA VAL A 66 11.79 -7.40 -14.08
C VAL A 66 11.64 -8.80 -14.63
N LEU A 67 11.27 -9.75 -13.76
CA LEU A 67 11.21 -11.15 -14.15
C LEU A 67 10.06 -11.38 -15.12
N SER A 68 8.93 -10.74 -14.87
CA SER A 68 7.80 -10.87 -15.78
C SER A 68 8.14 -10.31 -17.15
N SER A 69 8.87 -9.19 -17.20
CA SER A 69 9.31 -8.63 -18.48
C SER A 69 10.23 -9.59 -19.22
N ILE A 70 11.15 -10.23 -18.49
CA ILE A 70 12.03 -11.21 -19.14
C ILE A 70 11.22 -12.40 -19.65
N GLU A 71 10.26 -12.85 -18.85
CA GLU A 71 9.46 -14.02 -19.21
C GLU A 71 8.64 -13.75 -20.46
N GLN A 72 8.01 -12.58 -20.54
CA GLN A 72 7.20 -12.24 -21.70
C GLN A 72 8.08 -12.17 -22.95
N LYS A 73 9.27 -11.60 -22.83
CA LYS A 73 10.18 -11.53 -23.96
C LYS A 73 10.63 -12.92 -24.40
N SER A 74 10.83 -13.84 -23.45
CA SER A 74 11.26 -15.19 -23.80
C SER A 74 10.15 -15.99 -24.46
N ASN A 75 8.90 -15.52 -24.39
CA ASN A 75 7.77 -16.23 -24.99
C ASN A 75 7.33 -15.63 -26.33
N GLU A 76 7.86 -14.48 -26.73
CA GLU A 76 7.54 -13.91 -28.03
C GLU A 76 8.07 -14.81 -29.14
N GLU A 77 7.34 -14.85 -30.27
CA GLU A 77 7.70 -15.71 -31.39
C GLU A 77 8.98 -15.20 -32.03
N GLY A 78 10.08 -15.95 -31.87
CA GLY A 78 11.36 -15.57 -32.44
C GLY A 78 12.46 -15.45 -31.41
N SER A 79 12.29 -16.15 -30.28
CA SER A 79 13.22 -16.03 -29.16
C SER A 79 14.12 -17.27 -29.08
N GLU A 80 14.09 -17.96 -27.94
CA GLU A 80 14.81 -19.22 -27.75
C GLU A 80 14.34 -19.83 -26.44
N GLU A 81 13.26 -20.62 -26.50
CA GLU A 81 12.55 -21.11 -25.31
C GLU A 81 13.43 -22.04 -24.49
N LYS A 82 14.40 -21.46 -23.78
CA LYS A 82 15.40 -22.26 -23.06
C LYS A 82 14.75 -23.38 -22.26
N GLY A 83 13.73 -23.03 -21.47
CA GLY A 83 13.14 -23.95 -20.54
C GLY A 83 12.36 -23.22 -19.46
N PRO A 84 12.11 -23.92 -18.35
CA PRO A 84 11.15 -23.42 -17.36
C PRO A 84 11.72 -22.43 -16.36
N GLU A 85 13.00 -22.05 -16.47
CA GLU A 85 13.64 -21.39 -15.35
C GLU A 85 13.08 -19.99 -15.10
N VAL A 86 12.84 -19.19 -16.15
CA VAL A 86 12.34 -17.84 -15.92
C VAL A 86 10.96 -17.88 -15.29
N ARG A 87 10.07 -18.72 -15.83
CA ARG A 87 8.76 -18.89 -15.22
C ARG A 87 8.87 -19.36 -13.78
N GLU A 88 9.71 -20.38 -13.53
CA GLU A 88 9.84 -20.91 -12.17
C GLU A 88 10.28 -19.83 -11.19
N TYR A 89 11.27 -19.02 -11.57
CA TYR A 89 11.80 -18.03 -10.64
C TYR A 89 10.82 -16.86 -10.48
N ARG A 90 10.16 -16.45 -11.57
CA ARG A 90 9.08 -15.46 -11.42
C ARG A 90 8.00 -15.96 -10.46
N GLU A 91 7.61 -17.24 -10.59
CA GLU A 91 6.63 -17.81 -9.67
C GLU A 91 7.13 -17.84 -8.23
N LYS A 92 8.42 -18.11 -8.03
CA LYS A 92 8.97 -18.10 -6.67
C LYS A 92 8.83 -16.71 -6.05
N VAL A 93 9.26 -15.68 -6.78
CA VAL A 93 9.14 -14.32 -6.27
C VAL A 93 7.68 -13.95 -6.07
N GLU A 94 6.83 -14.32 -7.04
CA GLU A 94 5.39 -14.05 -6.93
C GLU A 94 4.80 -14.67 -5.67
N THR A 95 5.16 -15.93 -5.38
CA THR A 95 4.62 -16.61 -4.20
C THR A 95 5.10 -15.93 -2.92
N GLU A 96 6.35 -15.47 -2.90
CA GLU A 96 6.87 -14.77 -1.74
C GLU A 96 6.14 -13.44 -1.54
N LEU A 97 5.91 -12.74 -2.64
CA LEU A 97 5.11 -11.51 -2.59
C LEU A 97 3.71 -11.78 -2.06
N GLN A 98 3.03 -12.80 -2.59
CA GLN A 98 1.69 -13.11 -2.13
C GLN A 98 1.70 -13.47 -0.65
N GLY A 99 2.78 -14.10 -0.19
CA GLY A 99 2.86 -14.43 1.22
C GLY A 99 2.99 -13.20 2.10
N VAL A 100 3.79 -12.23 1.68
CA VAL A 100 3.89 -10.97 2.42
C VAL A 100 2.53 -10.28 2.44
N CYS A 101 1.87 -10.18 1.29
CA CYS A 101 0.54 -9.55 1.26
C CYS A 101 -0.43 -10.26 2.19
N ASP A 102 -0.43 -11.58 2.19
CA ASP A 102 -1.31 -12.33 3.06
C ASP A 102 -0.99 -12.08 4.53
N THR A 103 0.31 -11.97 4.85
CA THR A 103 0.70 -11.64 6.22
C THR A 103 0.12 -10.30 6.64
N VAL A 104 0.30 -9.28 5.80
CA VAL A 104 -0.21 -7.96 6.18
C VAL A 104 -1.72 -7.98 6.30
N LEU A 105 -2.39 -8.60 5.33
CA LEU A 105 -3.84 -8.66 5.36
C LEU A 105 -4.31 -9.42 6.57
N GLY A 106 -3.55 -10.43 6.99
CA GLY A 106 -3.90 -11.16 8.20
C GLY A 106 -3.79 -10.31 9.44
N LEU A 107 -2.75 -9.48 9.52
CA LEU A 107 -2.63 -8.56 10.65
C LEU A 107 -3.78 -7.58 10.69
N LEU A 108 -4.21 -7.08 9.51
CA LEU A 108 -5.31 -6.13 9.48
C LEU A 108 -6.61 -6.80 9.89
N ASP A 109 -6.81 -8.07 9.51
CA ASP A 109 -8.03 -8.79 9.83
C ASP A 109 -8.00 -9.37 11.24
N SER A 110 -6.83 -9.49 11.82
CA SER A 110 -6.66 -10.18 13.12
C SER A 110 -5.63 -9.42 13.95
N HIS A 111 -5.99 -8.26 14.52
CA HIS A 111 -7.35 -7.73 14.60
C HIS A 111 -7.33 -6.22 14.52
N LEU A 112 -6.43 -5.65 13.71
CA LEU A 112 -6.24 -4.20 13.71
C LEU A 112 -7.52 -3.45 13.29
N ILE A 113 -8.17 -3.87 12.20
CA ILE A 113 -9.28 -3.09 11.68
C ILE A 113 -10.44 -3.12 12.67
N LYS A 114 -10.77 -4.30 13.20
CA LYS A 114 -11.98 -4.37 14.01
C LYS A 114 -11.87 -3.56 15.30
N GLU A 115 -10.65 -3.28 15.78
CA GLU A 115 -10.50 -2.50 16.98
C GLU A 115 -10.28 -1.03 16.71
N ALA A 116 -10.24 -0.63 15.42
CA ALA A 116 -9.88 0.74 15.04
C ALA A 116 -11.15 1.56 14.90
N GLY A 117 -11.39 2.42 15.87
CA GLY A 117 -12.61 3.23 15.93
C GLY A 117 -12.42 4.66 15.49
N ASP A 118 -11.21 5.17 15.66
CA ASP A 118 -10.94 6.54 15.27
C ASP A 118 -10.73 6.59 13.77
N ALA A 119 -11.17 7.69 13.16
CA ALA A 119 -11.01 7.79 11.70
C ALA A 119 -9.55 7.63 11.27
N GLU A 120 -8.61 8.28 11.97
CA GLU A 120 -7.22 8.25 11.50
C GLU A 120 -6.63 6.84 11.53
N SER A 121 -7.06 6.01 12.47
CA SER A 121 -6.57 4.64 12.44
C SER A 121 -7.38 3.79 11.46
N ARG A 122 -8.70 3.89 11.51
CA ARG A 122 -9.52 3.03 10.66
C ARG A 122 -9.28 3.29 9.18
N VAL A 123 -9.23 4.57 8.77
CA VAL A 123 -8.97 4.88 7.37
C VAL A 123 -7.58 4.39 6.97
N PHE A 124 -6.57 4.60 7.84
CA PHE A 124 -5.20 4.15 7.55
C PHE A 124 -5.17 2.64 7.29
N TYR A 125 -5.81 1.85 8.16
CA TYR A 125 -5.78 0.40 8.00
C TYR A 125 -6.59 -0.05 6.79
N LEU A 126 -7.73 0.60 6.52
CA LEU A 126 -8.49 0.20 5.34
C LEU A 126 -7.76 0.56 4.06
N LYS A 127 -7.06 1.70 4.04
CA LYS A 127 -6.16 2.02 2.92
C LYS A 127 -5.13 0.92 2.72
N MET A 128 -4.49 0.47 3.80
CA MET A 128 -3.51 -0.61 3.70
C MET A 128 -4.16 -1.87 3.13
N LYS A 129 -5.37 -2.19 3.58
CA LYS A 129 -6.05 -3.37 3.06
C LYS A 129 -6.28 -3.24 1.56
N GLY A 130 -6.72 -2.07 1.10
CA GLY A 130 -6.82 -1.84 -0.33
C GLY A 130 -5.48 -2.00 -1.04
N ASP A 131 -4.43 -1.42 -0.47
CA ASP A 131 -3.09 -1.48 -1.08
C ASP A 131 -2.61 -2.92 -1.26
N TYR A 132 -2.78 -3.77 -0.23
CA TYR A 132 -2.20 -5.12 -0.32
C TYR A 132 -3.06 -6.03 -1.17
N TYR A 133 -4.38 -5.81 -1.25
CA TYR A 133 -5.16 -6.49 -2.28
C TYR A 133 -4.77 -6.00 -3.67
N ARG A 134 -4.46 -4.71 -3.80
CA ARG A 134 -3.99 -4.20 -5.09
C ARG A 134 -2.70 -4.89 -5.53
N TYR A 135 -1.74 -5.07 -4.62
CA TYR A 135 -0.51 -5.78 -4.98
C TYR A 135 -0.81 -7.22 -5.38
N LEU A 136 -1.71 -7.89 -4.68
CA LEU A 136 -2.14 -9.22 -5.12
C LEU A 136 -2.77 -9.15 -6.50
N ALA A 137 -3.59 -8.13 -6.76
CA ALA A 137 -4.21 -8.00 -8.08
C ALA A 137 -3.18 -7.83 -9.18
N GLU A 138 -2.07 -7.15 -8.88
CA GLU A 138 -1.06 -6.89 -9.91
C GLU A 138 -0.50 -8.18 -10.48
N VAL A 139 -0.51 -9.27 -9.72
CA VAL A 139 0.06 -10.53 -10.17
C VAL A 139 -0.99 -11.60 -10.39
N ALA A 140 -2.26 -11.28 -10.21
CA ALA A 140 -3.31 -12.28 -10.25
C ALA A 140 -3.70 -12.54 -11.67
N THR A 141 -3.96 -13.81 -11.98
CA THR A 141 -4.35 -14.22 -13.32
C THR A 141 -5.48 -15.24 -13.37
N GLY A 142 -5.84 -15.87 -12.25
CA GLY A 142 -6.73 -17.02 -12.25
C GLY A 142 -8.16 -16.70 -11.88
N ASP A 143 -8.83 -17.69 -11.29
CA ASP A 143 -10.27 -17.63 -11.02
C ASP A 143 -10.64 -16.55 -10.01
N ASP A 144 -9.69 -16.05 -9.22
CA ASP A 144 -10.01 -15.09 -8.17
C ASP A 144 -9.58 -13.67 -8.50
N LYS A 145 -9.12 -13.40 -9.72
CA LYS A 145 -8.62 -12.07 -10.02
C LYS A 145 -9.71 -11.02 -9.84
N LYS A 146 -10.92 -11.28 -10.35
CA LYS A 146 -12.00 -10.30 -10.17
C LYS A 146 -12.31 -10.10 -8.69
N ARG A 147 -12.29 -11.18 -7.91
CA ARG A 147 -12.64 -11.10 -6.50
C ARG A 147 -11.55 -10.35 -5.73
N ILE A 148 -10.28 -10.53 -6.10
CA ILE A 148 -9.19 -9.78 -5.46
C ILE A 148 -9.35 -8.30 -5.75
N ILE A 149 -9.65 -7.95 -7.00
CA ILE A 149 -9.86 -6.57 -7.40
C ILE A 149 -11.03 -5.98 -6.62
N ASP A 150 -12.10 -6.74 -6.47
CA ASP A 150 -13.23 -6.16 -5.75
C ASP A 150 -12.95 -6.01 -4.27
N SER A 151 -12.10 -6.88 -3.69
CA SER A 151 -11.72 -6.72 -2.30
C SER A 151 -10.91 -5.45 -2.10
N ALA A 152 -10.01 -5.15 -3.05
CA ALA A 152 -9.30 -3.88 -2.97
C ALA A 152 -10.27 -2.72 -3.06
N ARG A 153 -11.14 -2.75 -4.07
CA ARG A 153 -12.11 -1.68 -4.28
C ARG A 153 -12.98 -1.45 -3.05
N SER A 154 -13.47 -2.54 -2.46
CA SER A 154 -14.35 -2.42 -1.30
C SER A 154 -13.62 -1.80 -0.11
N ALA A 155 -12.38 -2.20 0.12
CA ALA A 155 -11.64 -1.63 1.24
C ALA A 155 -11.37 -0.14 1.02
N TYR A 156 -10.90 0.20 -0.17
CA TYR A 156 -10.67 1.60 -0.52
C TYR A 156 -11.94 2.41 -0.39
N GLN A 157 -13.06 1.87 -0.86
CA GLN A 157 -14.34 2.60 -0.82
C GLN A 157 -14.77 2.86 0.62
N GLU A 158 -14.69 1.85 1.50
CA GLU A 158 -15.05 2.09 2.90
C GLU A 158 -14.14 3.16 3.51
N ALA A 159 -12.85 3.11 3.21
CA ALA A 159 -11.92 4.11 3.70
C ALA A 159 -12.30 5.49 3.18
N MET A 160 -12.64 5.57 1.90
CA MET A 160 -13.04 6.87 1.35
C MET A 160 -14.29 7.41 2.03
N ASP A 161 -15.28 6.55 2.24
CA ASP A 161 -16.53 7.02 2.83
C ASP A 161 -16.28 7.59 4.22
N ILE A 162 -15.44 6.93 5.02
CA ILE A 162 -15.12 7.44 6.34
C ILE A 162 -14.33 8.73 6.25
N SER A 163 -13.34 8.77 5.33
CA SER A 163 -12.50 9.95 5.24
C SER A 163 -13.31 11.17 4.84
N LYS A 164 -14.32 11.00 4.00
CA LYS A 164 -15.07 12.16 3.56
C LYS A 164 -16.01 12.65 4.65
N LYS A 165 -16.43 11.76 5.55
CA LYS A 165 -17.26 12.16 6.67
C LYS A 165 -16.44 12.76 7.82
N GLU A 166 -15.23 12.25 8.06
CA GLU A 166 -14.54 12.47 9.32
C GLU A 166 -13.25 13.30 9.23
N MET A 167 -12.72 13.53 8.04
CA MET A 167 -11.42 14.18 7.90
C MET A 167 -11.55 15.38 6.97
N PRO A 168 -10.78 16.44 7.20
CA PRO A 168 -10.76 17.55 6.26
C PRO A 168 -10.12 17.10 4.95
N PRO A 169 -10.37 17.84 3.88
CA PRO A 169 -9.82 17.44 2.57
C PRO A 169 -8.33 17.51 2.48
N THR A 170 -7.64 18.21 3.39
CA THR A 170 -6.19 18.25 3.36
C THR A 170 -5.53 17.20 4.25
N ASN A 171 -6.30 16.43 4.99
CA ASN A 171 -5.71 15.44 5.88
C ASN A 171 -4.80 14.51 5.07
N PRO A 172 -3.54 14.34 5.44
CA PRO A 172 -2.65 13.55 4.59
C PRO A 172 -3.04 12.10 4.43
N ILE A 173 -3.76 11.51 5.41
CA ILE A 173 -4.25 10.16 5.24
C ILE A 173 -5.32 10.13 4.16
N ARG A 174 -6.25 11.08 4.23
CA ARG A 174 -7.28 11.19 3.19
C ARG A 174 -6.64 11.39 1.82
N LEU A 175 -5.64 12.25 1.74
CA LEU A 175 -4.98 12.49 0.46
C LEU A 175 -4.25 11.25 -0.05
N GLY A 176 -3.53 10.56 0.84
CA GLY A 176 -2.78 9.39 0.39
C GLY A 176 -3.70 8.27 -0.01
N LEU A 177 -4.82 8.13 0.70
CA LEU A 177 -5.84 7.16 0.30
C LEU A 177 -6.32 7.46 -1.11
N ALA A 178 -6.68 8.71 -1.38
CA ALA A 178 -7.21 9.03 -2.70
C ALA A 178 -6.16 8.85 -3.79
N LEU A 179 -4.92 9.24 -3.50
CA LEU A 179 -3.81 8.99 -4.43
C LEU A 179 -3.76 7.53 -4.82
N ASN A 180 -3.78 6.64 -3.84
CA ASN A 180 -3.60 5.22 -4.14
C ASN A 180 -4.85 4.61 -4.77
N PHE A 181 -6.04 5.04 -4.33
CA PHE A 181 -7.29 4.55 -4.93
C PHE A 181 -7.37 5.01 -6.38
N SER A 182 -6.90 6.22 -6.65
CA SER A 182 -6.82 6.67 -8.03
C SER A 182 -5.89 5.80 -8.87
N VAL A 183 -4.73 5.43 -8.33
CA VAL A 183 -3.84 4.50 -9.06
C VAL A 183 -4.51 3.12 -9.24
N PHE A 184 -5.23 2.65 -8.24
CA PHE A 184 -6.01 1.42 -8.37
C PHE A 184 -6.93 1.49 -9.59
N HIS A 185 -7.66 2.60 -9.71
CA HIS A 185 -8.56 2.74 -10.84
C HIS A 185 -7.80 2.68 -12.17
N TYR A 186 -6.67 3.37 -12.26
CA TYR A 186 -5.95 3.48 -13.52
C TYR A 186 -5.29 2.16 -13.90
N GLU A 187 -4.58 1.55 -12.96
CA GLU A 187 -3.70 0.45 -13.28
C GLU A 187 -4.36 -0.90 -13.10
N ILE A 188 -5.33 -1.03 -12.21
CA ILE A 188 -5.93 -2.31 -11.87
C ILE A 188 -7.32 -2.46 -12.47
N ALA A 189 -8.15 -1.45 -12.32
CA ALA A 189 -9.55 -1.51 -12.69
C ALA A 189 -9.80 -1.11 -14.13
N ASN A 190 -8.78 -0.69 -14.85
CA ASN A 190 -8.94 -0.22 -16.23
C ASN A 190 -9.98 0.89 -16.31
N SER A 191 -9.91 1.81 -15.35
CA SER A 191 -10.86 2.92 -15.25
C SER A 191 -10.06 4.22 -15.20
N PRO A 192 -9.36 4.56 -16.29
CA PRO A 192 -8.53 5.77 -16.25
C PRO A 192 -9.36 7.04 -16.03
N GLU A 193 -10.59 7.09 -16.51
CA GLU A 193 -11.38 8.31 -16.30
C GLU A 193 -11.72 8.49 -14.84
N GLU A 194 -12.07 7.40 -14.15
CA GLU A 194 -12.32 7.49 -12.71
C GLU A 194 -11.05 7.89 -11.97
N ALA A 195 -9.91 7.35 -12.40
CA ALA A 195 -8.62 7.69 -11.77
C ALA A 195 -8.32 9.17 -11.88
N ILE A 196 -8.53 9.73 -13.06
CA ILE A 196 -8.27 11.15 -13.31
C ILE A 196 -9.27 12.03 -12.55
N SER A 197 -10.55 11.67 -12.57
CA SER A 197 -11.55 12.44 -11.84
C SER A 197 -11.25 12.45 -10.36
N LEU A 198 -10.91 11.29 -9.79
CA LEU A 198 -10.65 11.24 -8.35
C LEU A 198 -9.44 12.09 -7.99
N ALA A 199 -8.36 11.99 -8.77
CA ALA A 199 -7.15 12.75 -8.45
C ALA A 199 -7.40 14.25 -8.56
N LYS A 200 -8.15 14.66 -9.58
CA LYS A 200 -8.39 16.09 -9.81
C LYS A 200 -9.32 16.67 -8.75
N THR A 201 -10.40 15.99 -8.44
CA THR A 201 -11.30 16.45 -7.38
C THR A 201 -10.61 16.48 -6.03
N THR A 202 -9.81 15.46 -5.72
CA THR A 202 -9.07 15.46 -4.47
C THR A 202 -8.13 16.65 -4.39
N PHE A 203 -7.42 16.93 -5.48
CA PHE A 203 -6.46 18.03 -5.49
C PHE A 203 -7.17 19.36 -5.30
N ASP A 204 -8.27 19.57 -6.01
CA ASP A 204 -8.95 20.85 -5.95
C ASP A 204 -9.60 21.07 -4.58
N GLU A 205 -10.19 20.03 -3.98
CA GLU A 205 -10.78 20.21 -2.66
C GLU A 205 -9.71 20.46 -1.62
N ALA A 206 -8.54 19.84 -1.76
CA ALA A 206 -7.47 20.12 -0.82
C ALA A 206 -6.97 21.56 -1.00
N MET A 207 -6.75 21.98 -2.25
CA MET A 207 -6.32 23.36 -2.50
C MET A 207 -7.17 24.36 -1.73
N ALA A 208 -8.47 24.20 -1.77
CA ALA A 208 -9.37 25.17 -1.18
C ALA A 208 -9.39 25.12 0.34
N ASP A 209 -8.74 24.14 0.95
CA ASP A 209 -8.66 24.00 2.41
C ASP A 209 -7.26 24.31 2.96
N LEU A 210 -6.31 24.61 2.08
CA LEU A 210 -4.95 24.83 2.53
C LEU A 210 -4.87 26.04 3.45
N HIS A 211 -5.75 27.01 3.27
CA HIS A 211 -5.67 28.26 4.06
C HIS A 211 -5.90 28.02 5.53
N THR A 212 -6.43 26.86 5.92
CA THR A 212 -6.69 26.57 7.32
C THR A 212 -5.49 26.00 8.05
N LEU A 213 -4.42 25.70 7.35
CA LEU A 213 -3.31 24.90 7.88
C LEU A 213 -2.16 25.75 8.39
N SER A 214 -1.49 25.23 9.42
CA SER A 214 -0.20 25.73 9.84
C SER A 214 0.85 25.46 8.75
N GLU A 215 2.01 26.10 8.91
CA GLU A 215 3.06 25.90 7.91
C GLU A 215 3.51 24.43 7.87
N ASP A 216 3.53 23.75 9.01
CA ASP A 216 3.95 22.36 9.00
C ASP A 216 2.90 21.47 8.34
N SER A 217 1.62 21.70 8.65
CA SER A 217 0.57 20.90 8.00
C SER A 217 0.49 21.21 6.52
N TYR A 218 0.67 22.47 6.15
CA TYR A 218 0.72 22.85 4.74
C TYR A 218 1.77 22.05 4.00
N LYS A 219 2.96 21.90 4.58
CA LYS A 219 4.01 21.16 3.90
C LYS A 219 3.62 19.69 3.72
N ASP A 220 3.00 19.10 4.75
CA ASP A 220 2.58 17.71 4.66
C ASP A 220 1.55 17.50 3.56
N SER A 221 0.54 18.36 3.53
CA SER A 221 -0.56 18.23 2.57
C SER A 221 -0.09 18.51 1.15
N THR A 222 0.71 19.57 0.97
CA THR A 222 1.10 19.89 -0.39
C THR A 222 2.05 18.85 -0.97
N LEU A 223 2.80 18.14 -0.13
CA LEU A 223 3.63 17.06 -0.65
C LEU A 223 2.78 16.01 -1.37
N ILE A 224 1.68 15.57 -0.75
CA ILE A 224 0.88 14.53 -1.41
C ILE A 224 0.13 15.14 -2.56
N MET A 225 -0.26 16.40 -2.44
CA MET A 225 -0.94 17.07 -3.54
C MET A 225 -0.06 17.07 -4.80
N GLN A 226 1.26 17.27 -4.62
CA GLN A 226 2.18 17.22 -5.74
C GLN A 226 2.20 15.85 -6.40
N LEU A 227 2.09 14.79 -5.59
CA LEU A 227 2.03 13.45 -6.17
C LEU A 227 0.76 13.26 -7.01
N LEU A 228 -0.37 13.78 -6.54
CA LEU A 228 -1.59 13.77 -7.34
C LEU A 228 -1.36 14.47 -8.67
N ARG A 229 -0.73 15.65 -8.64
CA ARG A 229 -0.49 16.38 -9.86
C ARG A 229 0.48 15.61 -10.77
N ASP A 230 1.50 14.99 -10.17
CA ASP A 230 2.45 14.20 -10.95
C ASP A 230 1.72 13.10 -11.72
N ASN A 231 0.84 12.37 -11.04
CA ASN A 231 0.10 11.33 -11.74
C ASN A 231 -0.80 11.89 -12.82
N LEU A 232 -1.50 13.01 -12.53
CA LEU A 232 -2.36 13.62 -13.55
C LEU A 232 -1.56 14.06 -14.77
N THR A 233 -0.30 14.49 -14.55
CA THR A 233 0.55 14.86 -15.68
C THR A 233 0.97 13.63 -16.48
N LEU A 234 1.12 12.50 -15.80
CA LEU A 234 1.41 11.25 -16.48
C LEU A 234 0.24 10.76 -17.32
N TRP A 235 -0.99 11.01 -16.87
CA TRP A 235 -2.16 10.38 -17.44
C TRP A 235 -2.90 11.23 -18.46
N THR A 236 -2.50 12.49 -18.63
CA THR A 236 -3.24 13.44 -19.46
C THR A 236 -2.29 14.25 -20.34
N PHE B 1 6.00 4.64 -13.73
CA PHE B 1 4.99 4.11 -12.81
C PHE B 1 4.43 5.25 -11.98
N PRO B 2 3.17 5.15 -11.56
CA PRO B 2 2.55 6.26 -10.85
C PRO B 2 2.91 6.26 -9.37
N ALA B 3 2.81 7.44 -8.78
CA ALA B 3 3.15 7.61 -7.38
C ALA B 3 2.03 7.07 -6.47
N TPO B 4 2.45 6.29 -5.46
CA TPO B 4 1.58 5.86 -4.35
CB TPO B 4 1.16 4.36 -4.50
CG2 TPO B 4 0.24 4.19 -5.72
OG1 TPO B 4 2.40 3.68 -4.70
P TPO B 4 2.37 2.06 -4.54
O1P TPO B 4 3.90 1.73 -4.28
O2P TPO B 4 1.50 1.61 -3.32
O3P TPO B 4 1.94 1.52 -5.86
C TPO B 4 2.32 6.05 -3.06
O TPO B 4 3.57 6.12 -3.04
N VAL B 5 1.59 6.12 -1.96
CA VAL B 5 2.22 6.27 -0.65
C VAL B 5 1.76 5.27 0.40
C02 RY0 C . 8.93 6.51 10.15
C04 RY0 C . 7.76 7.36 10.54
C05 RY0 C . 7.08 8.19 9.61
C06 RY0 C . 5.98 8.91 10.31
C07 RY0 C . 5.93 8.61 11.70
C09 RY0 C . 5.14 9.92 9.56
C10 RY0 C . 4.65 10.99 10.27
C11 RY0 C . 3.93 11.97 9.62
C12 RY0 C . 3.72 11.87 8.27
C13 RY0 C . 4.22 10.79 7.56
C15 RY0 C . 4.70 10.08 5.15
C17 RY0 C . 4.24 10.30 3.71
C18 RY0 C . 4.76 9.35 2.66
C19 RY0 C . 5.49 10.48 1.96
C20 RY0 C . 5.05 11.41 3.06
C22 RY0 C . 1.97 9.72 3.79
C23 RY0 C . 2.18 8.36 3.98
C24 RY0 C . 1.09 7.50 4.15
C25 RY0 C . -0.18 8.07 4.13
C27 RY0 C . -0.35 9.40 3.95
C28 RY0 C . 0.70 10.22 3.78
C29 RY0 C . 4.97 9.81 8.20
N01 RY0 C . 9.81 6.10 11.22
N03 RY0 C . 9.19 6.26 8.93
N14 RY0 C . 3.96 10.80 6.15
O16 RY0 C . 5.63 9.40 5.43
O21 RY0 C . 2.97 10.69 3.61
S08 RY0 C . 7.08 7.50 12.03
CL26 RY0 C . -1.69 7.17 4.36
H051 RY0 C . 7.33 8.28 8.56
H071 RY0 C . 5.24 9.03 12.41
H101 RY0 C . 4.84 11.07 11.33
H111 RY0 C . 3.52 12.81 10.17
H121 RY0 C . 3.16 12.63 7.75
H181 RY0 C . 3.96 8.93 2.05
H182 RY0 C . 5.43 8.61 3.07
H192 RY0 C . 6.56 10.33 1.95
H191 RY0 C . 5.06 10.73 1.00
H201 RY0 C . 5.87 11.74 3.68
H202 RY0 C . 4.43 12.21 2.69
H231 RY0 C . 3.19 7.95 3.98
H241 RY0 C . 1.22 6.44 4.31
H271 RY0 C . -1.36 9.81 3.95
H281 RY0 C . 0.55 11.29 3.63
H291 RY0 C . 5.41 8.99 7.64
H011 RY0 C . 9.57 6.35 12.17
H031 RY0 C . 8.59 6.55 8.20
H141 RY0 C . 3.20 11.36 5.84
#